data_3FUU
#
_entry.id   3FUU
#
_cell.length_a   53.195
_cell.length_b   61.263
_cell.length_c   82.719
_cell.angle_alpha   90.000
_cell.angle_beta   90.000
_cell.angle_gamma   90.000
#
_symmetry.space_group_name_H-M   'P 21 21 21'
#
loop_
_entity.id
_entity.type
_entity.pdbx_description
1 polymer 'Dimethyladenosine transferase'
2 non-polymer ADENOSINE
3 water water
#
_entity_poly.entity_id   1
_entity_poly.type   'polypeptide(L)'
_entity_poly.pdbx_seq_one_letter_code
;MSKLASPQSVRALLERHGLFADKRFGQNFLVSEAHLRRIVEAARPFTGPVFEVGPGLGALTRALLEAGAEVTAIEKDLRL
RPVLEETLSGLPVRLVFQDALLYPWEEVPQGSLLVANLPYHIATPLVTRLLKTGRFARLVFLVQKEVAERMTARPKTPAY
GVLTLRVAHHAVAERLFDLPPGAFFPPPKVWSSLVRLTPTGALDDPGLFRLVEAAFGKRRKTLLNALAAAGYPKARVEEA
LRALGLPPRVRAEELDLEAFRRLREGLEGAV
;
_entity_poly.pdbx_strand_id   A
#
# COMPACT_ATOMS: atom_id res chain seq x y z
N SER A 6 13.57 12.88 18.04
CA SER A 6 14.86 12.97 17.30
C SER A 6 15.40 11.56 17.00
N PRO A 7 16.34 11.44 16.04
CA PRO A 7 16.98 10.13 15.88
C PRO A 7 17.66 9.74 17.18
N GLN A 8 18.10 10.74 17.93
CA GLN A 8 18.76 10.53 19.21
C GLN A 8 17.81 9.85 20.20
N SER A 9 16.61 10.44 20.37
CA SER A 9 15.61 9.92 21.30
C SER A 9 15.12 8.52 20.92
N VAL A 10 14.91 8.28 19.63
CA VAL A 10 14.53 6.95 19.16
C VAL A 10 15.64 5.94 19.44
N ARG A 11 16.87 6.28 19.06
CA ARG A 11 17.99 5.40 19.40
C ARG A 11 18.02 5.13 20.91
N ALA A 12 17.85 6.16 21.71
CA ALA A 12 17.93 6.01 23.17
C ALA A 12 16.77 5.18 23.74
N LEU A 13 15.59 5.26 23.12
CA LEU A 13 14.44 4.46 23.54
C LEU A 13 14.68 2.98 23.24
N LEU A 14 15.15 2.68 22.04
CA LEU A 14 15.53 1.31 21.68
C LEU A 14 16.54 0.72 22.65
N GLU A 15 17.59 1.49 22.95
CA GLU A 15 18.66 1.04 23.86
C GLU A 15 18.09 0.75 25.23
N ARG A 16 17.21 1.62 25.74
CA ARG A 16 16.70 1.46 27.11
C ARG A 16 15.90 0.16 27.25
N HIS A 17 15.16 -0.20 26.19
CA HIS A 17 14.37 -1.43 26.14
C HIS A 17 15.12 -2.67 25.64
N GLY A 18 16.42 -2.50 25.41
CA GLY A 18 17.30 -3.59 24.91
C GLY A 18 16.84 -4.14 23.58
N LEU A 19 16.36 -3.23 22.73
CA LEU A 19 15.90 -3.63 21.40
C LEU A 19 16.92 -3.28 20.33
N PHE A 20 16.88 -4.05 19.24
N PHE A 20 16.88 -4.03 19.22
CA PHE A 20 17.59 -3.68 18.05
CA PHE A 20 17.71 -3.77 18.04
C PHE A 20 16.60 -3.77 16.92
C PHE A 20 16.83 -3.93 16.80
N ALA A 21 16.79 -2.93 15.92
CA ALA A 21 15.95 -2.98 14.72
C ALA A 21 16.29 -4.25 13.93
N ASP A 22 15.27 -5.06 13.65
CA ASP A 22 15.46 -6.37 13.02
C ASP A 22 15.05 -6.34 11.56
N LYS A 23 16.01 -6.62 10.66
CA LYS A 23 15.70 -6.66 9.23
C LYS A 23 14.66 -7.69 8.81
N ARG A 24 14.56 -8.78 9.55
CA ARG A 24 13.53 -9.77 9.22
C ARG A 24 12.12 -9.25 9.41
N PHE A 25 12.01 -8.12 10.13
CA PHE A 25 10.73 -7.46 10.32
C PHE A 25 10.69 -6.13 9.57
N GLY A 26 11.70 -5.84 8.75
CA GLY A 26 11.74 -4.57 8.01
C GLY A 26 11.57 -3.37 8.95
N GLN A 27 12.22 -3.45 10.10
CA GLN A 27 12.04 -2.41 11.13
C GLN A 27 12.81 -1.14 10.87
N ASN A 28 12.09 -0.11 10.49
CA ASN A 28 12.65 1.21 10.42
C ASN A 28 11.65 2.14 11.04
N PHE A 29 11.97 2.68 12.21
CA PHE A 29 10.98 3.40 13.04
C PHE A 29 10.95 4.89 12.74
N LEU A 30 9.75 5.45 12.58
N LEU A 30 9.74 5.43 12.68
CA LEU A 30 9.64 6.87 12.21
CA LEU A 30 9.57 6.86 12.43
C LEU A 30 10.03 7.79 13.38
C LEU A 30 10.22 7.71 13.51
N VAL A 31 10.88 8.77 13.07
CA VAL A 31 11.48 9.67 14.02
C VAL A 31 10.63 10.92 14.26
N SER A 32 10.33 11.68 13.22
CA SER A 32 9.90 13.06 13.43
C SER A 32 8.42 13.27 13.67
N GLU A 33 8.14 14.13 14.65
CA GLU A 33 6.79 14.55 14.95
C GLU A 33 6.16 15.20 13.74
N ALA A 34 6.96 15.91 12.94
CA ALA A 34 6.42 16.55 11.75
C ALA A 34 5.89 15.52 10.74
N HIS A 35 6.62 14.44 10.56
CA HIS A 35 6.13 13.37 9.67
C HIS A 35 4.91 12.66 10.22
N LEU A 36 4.88 12.44 11.53
CA LEU A 36 3.68 11.87 12.17
C LEU A 36 2.48 12.77 11.93
N ARG A 37 2.69 14.09 12.07
CA ARG A 37 1.61 15.03 11.84
C ARG A 37 1.07 14.93 10.42
N ARG A 38 1.98 14.84 9.45
CA ARG A 38 1.56 14.74 8.05
C ARG A 38 0.72 13.49 7.80
N ILE A 39 1.13 12.38 8.43
CA ILE A 39 0.36 11.14 8.25
C ILE A 39 -1.02 11.30 8.86
N VAL A 40 -1.09 11.79 10.10
CA VAL A 40 -2.40 11.99 10.74
C VAL A 40 -3.27 12.95 9.92
N GLU A 41 -2.70 14.07 9.47
CA GLU A 41 -3.49 15.05 8.71
C GLU A 41 -3.97 14.53 7.36
N ALA A 42 -3.22 13.59 6.78
CA ALA A 42 -3.64 12.98 5.53
C ALA A 42 -4.78 12.01 5.73
N ALA A 43 -4.88 11.45 6.93
CA ALA A 43 -5.89 10.43 7.19
C ALA A 43 -7.17 10.96 7.80
N ARG A 44 -7.08 12.09 8.52
CA ARG A 44 -8.25 12.66 9.18
C ARG A 44 -9.32 13.12 8.17
N PRO A 45 -10.59 13.26 8.62
CA PRO A 45 -11.15 12.97 9.94
C PRO A 45 -11.33 11.47 10.17
N PHE A 46 -11.31 11.10 11.44
CA PHE A 46 -11.37 9.70 11.86
C PHE A 46 -12.81 9.24 12.03
N THR A 47 -13.44 9.05 10.87
CA THR A 47 -14.86 8.77 10.77
C THR A 47 -15.22 7.29 10.93
N GLY A 48 -14.21 6.44 10.90
CA GLY A 48 -14.36 4.99 11.07
C GLY A 48 -13.19 4.47 11.92
N PRO A 49 -13.24 3.20 12.33
CA PRO A 49 -12.13 2.61 13.09
C PRO A 49 -10.83 2.60 12.29
N VAL A 50 -9.72 2.78 12.98
CA VAL A 50 -8.40 2.84 12.37
C VAL A 50 -7.66 1.56 12.66
N PHE A 51 -7.05 1.00 11.61
CA PHE A 51 -6.15 -0.12 11.73
C PHE A 51 -4.75 0.35 11.37
N GLU A 52 -3.81 0.07 12.25
CA GLU A 52 -2.42 0.40 12.00
C GLU A 52 -1.65 -0.92 12.00
N VAL A 53 -0.88 -1.13 10.95
CA VAL A 53 -0.03 -2.31 10.81
C VAL A 53 1.40 -1.87 11.06
N GLY A 54 2.04 -2.57 11.99
CA GLY A 54 3.42 -2.24 12.34
C GLY A 54 3.59 -1.01 13.21
N PRO A 55 2.94 -0.97 14.38
CA PRO A 55 3.05 0.20 15.25
C PRO A 55 4.45 0.48 15.78
N GLY A 56 5.28 -0.58 15.82
CA GLY A 56 6.69 -0.39 16.17
C GLY A 56 6.90 0.09 17.60
N LEU A 57 7.37 1.34 17.72
CA LEU A 57 7.54 1.93 19.06
C LEU A 57 6.34 2.73 19.55
N GLY A 58 5.31 2.79 18.69
CA GLY A 58 4.05 3.38 19.08
C GLY A 58 3.92 4.86 18.73
N ALA A 59 4.90 5.40 17.99
CA ALA A 59 4.87 6.86 17.69
C ALA A 59 3.60 7.31 16.95
N LEU A 60 3.29 6.59 15.87
CA LEU A 60 2.10 6.95 15.10
C LEU A 60 0.83 6.54 15.85
N THR A 61 0.89 5.42 16.54
CA THR A 61 -0.25 4.94 17.31
C THR A 61 -0.69 6.00 18.31
N ARG A 62 0.27 6.57 19.01
CA ARG A 62 -0.01 7.59 20.03
C ARG A 62 -0.63 8.84 19.38
N ALA A 63 -0.06 9.27 18.24
CA ALA A 63 -0.55 10.44 17.50
C ALA A 63 -2.00 10.23 17.06
N LEU A 64 -2.28 9.05 16.53
CA LEU A 64 -3.64 8.70 16.13
C LEU A 64 -4.63 8.74 17.30
N LEU A 65 -4.23 8.08 18.39
CA LEU A 65 -5.09 8.04 19.57
C LEU A 65 -5.32 9.45 20.12
N GLU A 66 -4.29 10.28 20.11
CA GLU A 66 -4.42 11.66 20.57
C GLU A 66 -5.39 12.48 19.72
N ALA A 67 -5.47 12.13 18.43
CA ALA A 67 -6.41 12.74 17.47
C ALA A 67 -7.82 12.19 17.61
N GLY A 68 -8.04 11.28 18.56
CA GLY A 68 -9.37 10.72 18.81
C GLY A 68 -9.72 9.46 18.03
N ALA A 69 -8.75 8.91 17.29
CA ALA A 69 -8.99 7.67 16.55
C ALA A 69 -9.24 6.49 17.47
N GLU A 70 -10.11 5.58 17.03
CA GLU A 70 -10.30 4.29 17.63
C GLU A 70 -9.38 3.30 16.92
N VAL A 71 -8.35 2.84 17.61
CA VAL A 71 -7.21 2.17 16.96
C VAL A 71 -7.03 0.70 17.35
N THR A 72 -6.84 -0.12 16.32
CA THR A 72 -6.37 -1.50 16.43
C THR A 72 -4.99 -1.49 15.79
N ALA A 73 -3.99 -1.90 16.55
CA ALA A 73 -2.60 -1.87 16.06
C ALA A 73 -2.08 -3.30 16.05
N ILE A 74 -1.58 -3.74 14.89
CA ILE A 74 -1.21 -5.13 14.67
C ILE A 74 0.30 -5.20 14.44
N GLU A 75 1.00 -5.88 15.36
CA GLU A 75 2.47 -5.90 15.41
C GLU A 75 2.96 -7.36 15.43
N LYS A 76 3.86 -7.71 14.52
CA LYS A 76 4.33 -9.11 14.42
C LYS A 76 5.43 -9.42 15.42
N ASP A 77 6.23 -8.41 15.77
CA ASP A 77 7.34 -8.65 16.71
C ASP A 77 6.92 -8.54 18.19
N LEU A 78 6.76 -9.69 18.84
CA LEU A 78 6.46 -9.74 20.29
C LEU A 78 7.42 -8.99 21.19
N ARG A 79 8.67 -8.87 20.77
CA ARG A 79 9.62 -8.09 21.53
C ARG A 79 9.23 -6.61 21.73
N LEU A 80 8.37 -6.07 20.86
CA LEU A 80 7.99 -4.66 21.00
C LEU A 80 6.88 -4.43 22.03
N ARG A 81 6.42 -5.49 22.70
CA ARG A 81 5.30 -5.31 23.60
C ARG A 81 5.60 -4.36 24.77
N PRO A 82 6.72 -4.54 25.49
CA PRO A 82 7.00 -3.59 26.56
C PRO A 82 7.07 -2.12 26.13
N VAL A 83 7.76 -1.81 25.02
CA VAL A 83 7.84 -0.40 24.62
C VAL A 83 6.46 0.15 24.20
N LEU A 84 5.69 -0.68 23.50
CA LEU A 84 4.33 -0.28 23.06
C LEU A 84 3.44 -0.03 24.29
N GLU A 85 3.49 -0.94 25.25
CA GLU A 85 2.70 -0.73 26.47
C GLU A 85 3.12 0.55 27.20
N GLU A 86 4.42 0.82 27.22
CA GLU A 86 4.94 2.04 27.85
C GLU A 86 4.48 3.28 27.09
N THR A 87 4.68 3.29 25.77
CA THR A 87 4.30 4.45 24.99
C THR A 87 2.80 4.72 25.07
N LEU A 88 2.01 3.65 25.06
N LEU A 88 2.02 3.65 25.08
CA LEU A 88 0.57 3.76 24.97
CA LEU A 88 0.58 3.76 24.98
C LEU A 88 -0.17 3.66 26.31
C LEU A 88 -0.16 3.62 26.31
N SER A 89 0.59 3.68 27.40
CA SER A 89 0.00 3.62 28.75
C SER A 89 -1.15 4.60 28.95
N GLY A 90 -2.27 4.09 29.42
CA GLY A 90 -3.46 4.93 29.66
C GLY A 90 -4.40 5.16 28.49
N LEU A 91 -3.97 4.72 27.30
CA LEU A 91 -4.72 5.00 26.05
C LEU A 91 -5.46 3.75 25.55
N PRO A 92 -6.68 3.92 25.00
CA PRO A 92 -7.48 2.80 24.52
C PRO A 92 -6.96 2.39 23.16
N VAL A 93 -6.18 1.31 23.12
CA VAL A 93 -5.72 0.72 21.87
C VAL A 93 -5.99 -0.79 21.95
N ARG A 94 -6.40 -1.41 20.86
CA ARG A 94 -6.37 -2.88 20.78
C ARG A 94 -5.04 -3.26 20.14
N LEU A 95 -4.11 -3.74 20.97
CA LEU A 95 -2.80 -4.20 20.49
C LEU A 95 -2.88 -5.67 20.20
N VAL A 96 -2.66 -6.04 18.94
CA VAL A 96 -2.74 -7.42 18.47
C VAL A 96 -1.37 -7.85 17.98
N PHE A 97 -0.85 -8.94 18.56
CA PHE A 97 0.45 -9.45 18.15
C PHE A 97 0.29 -10.62 17.19
N GLN A 98 0.37 -10.31 15.92
CA GLN A 98 0.07 -11.25 14.87
C GLN A 98 0.74 -10.77 13.59
N ASP A 99 0.94 -11.68 12.65
CA ASP A 99 1.33 -11.36 11.29
C ASP A 99 0.13 -10.71 10.63
N ALA A 100 0.28 -9.45 10.20
CA ALA A 100 -0.86 -8.77 9.59
C ALA A 100 -1.36 -9.40 8.29
N LEU A 101 -0.49 -10.15 7.60
CA LEU A 101 -0.91 -10.89 6.42
C LEU A 101 -1.90 -12.02 6.72
N LEU A 102 -2.04 -12.34 8.02
CA LEU A 102 -2.95 -13.38 8.49
C LEU A 102 -4.21 -12.83 9.18
N TYR A 103 -4.28 -11.51 9.38
CA TYR A 103 -5.41 -10.84 10.02
C TYR A 103 -6.69 -10.98 9.16
N PRO A 104 -7.89 -11.08 9.78
CA PRO A 104 -9.12 -11.25 9.00
C PRO A 104 -9.65 -9.94 8.42
N TRP A 105 -8.94 -9.46 7.40
CA TRP A 105 -9.22 -8.14 6.82
C TRP A 105 -10.60 -8.00 6.18
N GLU A 106 -11.15 -9.11 5.68
CA GLU A 106 -12.38 -9.02 4.91
C GLU A 106 -13.57 -8.65 5.80
N GLU A 107 -13.41 -8.80 7.10
CA GLU A 107 -14.50 -8.54 8.04
C GLU A 107 -14.42 -7.22 8.82
N VAL A 108 -13.44 -6.38 8.52
CA VAL A 108 -13.37 -5.10 9.22
C VAL A 108 -14.60 -4.24 8.83
N PRO A 109 -15.02 -3.35 9.72
CA PRO A 109 -16.20 -2.54 9.44
C PRO A 109 -16.08 -1.73 8.15
N GLN A 110 -17.17 -1.61 7.39
CA GLN A 110 -17.21 -0.69 6.25
C GLN A 110 -16.95 0.74 6.75
N GLY A 111 -16.01 1.43 6.11
CA GLY A 111 -15.66 2.79 6.51
C GLY A 111 -14.39 2.84 7.35
N SER A 112 -13.75 1.69 7.55
CA SER A 112 -12.47 1.62 8.28
C SER A 112 -11.39 2.42 7.56
N LEU A 113 -10.34 2.77 8.31
CA LEU A 113 -9.20 3.48 7.78
C LEU A 113 -7.96 2.66 8.04
N LEU A 114 -7.07 2.54 7.05
CA LEU A 114 -5.71 2.02 7.32
C LEU A 114 -4.80 3.22 7.45
N VAL A 115 -4.02 3.26 8.54
CA VAL A 115 -3.04 4.34 8.69
C VAL A 115 -1.80 3.70 9.28
N ALA A 116 -0.69 3.72 8.54
CA ALA A 116 0.44 2.87 8.93
C ALA A 116 1.76 3.21 8.25
N ASN A 117 2.85 3.01 8.99
CA ASN A 117 4.21 3.00 8.43
C ASN A 117 4.42 1.53 8.05
N LEU A 118 4.16 1.16 6.81
CA LEU A 118 4.11 -0.26 6.48
C LEU A 118 5.49 -0.91 6.37
N PRO A 119 5.60 -2.17 6.86
CA PRO A 119 6.87 -2.89 6.63
C PRO A 119 7.03 -3.15 5.14
N TYR A 120 8.19 -2.80 4.58
CA TYR A 120 8.39 -2.80 3.14
C TYR A 120 7.98 -4.14 2.49
N HIS A 121 8.26 -5.24 3.17
CA HIS A 121 8.16 -6.54 2.52
C HIS A 121 6.76 -7.09 2.46
N ILE A 122 5.81 -6.46 3.17
CA ILE A 122 4.41 -6.89 3.04
C ILE A 122 3.51 -5.83 2.45
N ALA A 123 4.02 -4.60 2.28
CA ALA A 123 3.19 -3.48 1.81
C ALA A 123 2.37 -3.80 0.57
N THR A 124 3.01 -4.32 -0.46
CA THR A 124 2.29 -4.52 -1.75
C THR A 124 1.17 -5.57 -1.63
N PRO A 125 1.49 -6.79 -1.15
CA PRO A 125 0.38 -7.75 -1.00
C PRO A 125 -0.67 -7.31 0.01
N LEU A 126 -0.27 -6.61 1.06
CA LEU A 126 -1.21 -6.18 2.08
C LEU A 126 -2.18 -5.15 1.47
N VAL A 127 -1.63 -4.12 0.85
CA VAL A 127 -2.50 -3.08 0.25
C VAL A 127 -3.41 -3.68 -0.81
N THR A 128 -2.88 -4.59 -1.60
CA THR A 128 -3.69 -5.27 -2.61
C THR A 128 -4.87 -5.96 -1.96
N ARG A 129 -4.62 -6.70 -0.86
CA ARG A 129 -5.69 -7.42 -0.16
C ARG A 129 -6.72 -6.45 0.42
N LEU A 130 -6.25 -5.35 1.01
CA LEU A 130 -7.19 -4.46 1.67
C LEU A 130 -8.08 -3.73 0.68
N LEU A 131 -7.51 -3.42 -0.47
CA LEU A 131 -8.26 -2.84 -1.57
C LEU A 131 -9.32 -3.81 -2.07
N LYS A 132 -8.97 -5.09 -2.18
CA LYS A 132 -9.95 -6.08 -2.58
C LYS A 132 -11.14 -6.21 -1.60
N THR A 133 -10.95 -5.87 -0.32
CA THR A 133 -12.05 -6.02 0.67
C THR A 133 -13.22 -5.07 0.41
N GLY A 134 -12.90 -3.94 -0.21
CA GLY A 134 -13.86 -2.84 -0.41
C GLY A 134 -14.30 -2.14 0.87
N ARG A 135 -13.67 -2.46 2.00
CA ARG A 135 -14.19 -2.02 3.30
C ARG A 135 -13.62 -0.68 3.76
N PHE A 136 -12.54 -0.20 3.13
CA PHE A 136 -11.87 0.98 3.63
C PHE A 136 -12.34 2.29 3.00
N ALA A 137 -12.55 3.31 3.83
CA ALA A 137 -12.81 4.67 3.33
C ALA A 137 -11.54 5.33 2.77
N ARG A 138 -10.42 5.12 3.44
CA ARG A 138 -9.12 5.67 3.03
C ARG A 138 -8.06 4.73 3.52
N LEU A 139 -6.97 4.65 2.75
CA LEU A 139 -5.75 3.99 3.20
C LEU A 139 -4.64 5.02 3.10
N VAL A 140 -3.99 5.27 4.24
CA VAL A 140 -2.90 6.26 4.29
C VAL A 140 -1.70 5.56 4.87
N PHE A 141 -0.58 5.56 4.15
CA PHE A 141 0.55 4.75 4.57
C PHE A 141 1.87 5.24 4.01
N LEU A 142 2.95 4.83 4.64
CA LEU A 142 4.27 5.01 4.08
C LEU A 142 4.68 3.72 3.38
N VAL A 143 5.32 3.88 2.23
CA VAL A 143 5.88 2.79 1.45
C VAL A 143 7.20 3.32 0.87
N GLN A 144 8.06 2.40 0.47
CA GLN A 144 9.25 2.78 -0.29
C GLN A 144 8.86 3.61 -1.51
N LYS A 145 9.68 4.60 -1.83
CA LYS A 145 9.33 5.55 -2.90
C LYS A 145 9.00 4.83 -4.22
N GLU A 146 9.78 3.79 -4.56
CA GLU A 146 9.56 3.08 -5.82
C GLU A 146 8.19 2.41 -5.87
N VAL A 147 7.75 1.90 -4.72
CA VAL A 147 6.40 1.30 -4.63
C VAL A 147 5.33 2.39 -4.76
N ALA A 148 5.49 3.51 -4.03
CA ALA A 148 4.62 4.68 -4.25
C ALA A 148 4.52 5.07 -5.72
N GLU A 149 5.64 5.14 -6.43
CA GLU A 149 5.64 5.50 -7.84
C GLU A 149 4.83 4.49 -8.67
N ARG A 150 4.93 3.20 -8.32
CA ARG A 150 4.14 2.20 -9.02
C ARG A 150 2.65 2.40 -8.75
N MET A 151 2.32 2.72 -7.50
CA MET A 151 0.92 2.89 -7.14
C MET A 151 0.27 4.11 -7.78
N THR A 152 1.08 5.10 -8.16
CA THR A 152 0.61 6.39 -8.68
C THR A 152 1.12 6.68 -10.11
N ALA A 153 1.61 5.64 -10.78
CA ALA A 153 2.16 5.81 -12.13
C ALA A 153 1.10 6.23 -13.15
N ARG A 154 1.56 6.95 -14.16
CA ARG A 154 0.78 7.22 -15.37
C ARG A 154 1.26 6.28 -16.48
N PRO A 155 0.41 6.00 -17.49
CA PRO A 155 0.82 5.11 -18.60
C PRO A 155 2.09 5.55 -19.32
N LYS A 156 2.75 4.61 -19.99
CA LYS A 156 3.96 4.86 -20.80
C LYS A 156 5.18 5.22 -19.98
N THR A 157 5.22 4.80 -18.73
CA THR A 157 6.38 5.03 -17.88
C THR A 157 6.88 3.67 -17.32
N PRO A 158 8.19 3.58 -16.97
CA PRO A 158 8.78 2.41 -16.32
C PRO A 158 7.99 1.84 -15.14
N ALA A 159 7.51 2.70 -14.25
CA ALA A 159 6.82 2.26 -13.00
C ALA A 159 5.41 1.78 -13.26
N TYR A 160 4.87 2.12 -14.42
CA TYR A 160 3.50 1.76 -14.71
C TYR A 160 3.42 0.27 -14.92
N GLY A 161 2.45 -0.37 -14.28
CA GLY A 161 2.24 -1.78 -14.47
C GLY A 161 1.06 -2.30 -13.70
N VAL A 162 1.13 -3.58 -13.36
CA VAL A 162 0.01 -4.28 -12.74
C VAL A 162 -0.43 -3.60 -11.44
N LEU A 163 0.53 -3.24 -10.59
CA LEU A 163 0.19 -2.62 -9.30
C LEU A 163 -0.52 -1.29 -9.51
N THR A 164 -0.06 -0.51 -10.48
CA THR A 164 -0.72 0.75 -10.82
C THR A 164 -2.19 0.52 -11.11
N LEU A 165 -2.42 -0.49 -11.94
CA LEU A 165 -3.77 -0.80 -12.39
C LEU A 165 -4.61 -1.45 -11.29
N ARG A 166 -3.96 -2.24 -10.43
CA ARG A 166 -4.67 -2.78 -9.28
C ARG A 166 -5.18 -1.64 -8.39
N VAL A 167 -4.31 -0.68 -8.10
CA VAL A 167 -4.73 0.41 -7.21
C VAL A 167 -5.81 1.22 -7.93
N ALA A 168 -5.59 1.53 -9.22
CA ALA A 168 -6.52 2.41 -9.96
C ALA A 168 -7.90 1.81 -10.02
N HIS A 169 -7.97 0.50 -10.27
CA HIS A 169 -9.27 -0.14 -10.36
C HIS A 169 -10.13 0.13 -9.12
N HIS A 170 -9.50 0.06 -7.95
CA HIS A 170 -10.23 0.25 -6.70
C HIS A 170 -10.31 1.65 -6.14
N ALA A 171 -9.41 2.55 -6.57
CA ALA A 171 -9.17 3.75 -5.79
C ALA A 171 -8.46 4.84 -6.55
N VAL A 172 -8.69 6.07 -6.13
CA VAL A 172 -7.79 7.16 -6.50
C VAL A 172 -6.54 7.12 -5.61
N ALA A 173 -5.40 7.55 -6.16
CA ALA A 173 -4.10 7.41 -5.50
C ALA A 173 -3.35 8.74 -5.53
N GLU A 174 -2.79 9.11 -4.38
CA GLU A 174 -2.02 10.34 -4.25
C GLU A 174 -0.70 10.07 -3.56
N ARG A 175 0.39 10.57 -4.12
CA ARG A 175 1.66 10.60 -3.42
C ARG A 175 1.80 12.00 -2.85
N LEU A 176 1.72 12.10 -1.51
CA LEU A 176 1.60 13.40 -0.87
C LEU A 176 2.91 14.02 -0.41
N PHE A 177 3.91 13.19 -0.14
CA PHE A 177 5.15 13.68 0.46
C PHE A 177 6.23 12.62 0.36
N ASP A 178 7.48 13.03 0.17
CA ASP A 178 8.60 12.10 0.18
C ASP A 178 9.41 12.28 1.44
N LEU A 179 9.81 11.14 2.00
CA LEU A 179 10.58 11.12 3.24
C LEU A 179 11.97 10.51 3.02
N PRO A 180 13.01 11.24 3.43
CA PRO A 180 14.38 10.75 3.26
C PRO A 180 14.69 9.60 4.21
N PRO A 181 15.78 8.84 3.96
CA PRO A 181 16.12 7.75 4.89
C PRO A 181 16.26 8.23 6.33
N GLY A 182 16.75 9.46 6.51
CA GLY A 182 16.88 10.06 7.84
C GLY A 182 15.61 10.26 8.67
N ALA A 183 14.45 10.11 8.03
CA ALA A 183 13.17 10.18 8.71
C ALA A 183 12.95 8.97 9.59
N PHE A 184 13.81 7.97 9.44
CA PHE A 184 13.65 6.71 10.17
C PHE A 184 14.90 6.36 10.93
N PHE A 185 14.72 5.59 12.01
CA PHE A 185 15.84 4.95 12.66
C PHE A 185 15.62 3.44 12.81
N PRO A 186 16.57 2.63 12.33
CA PRO A 186 17.74 2.98 11.53
C PRO A 186 17.28 3.48 10.15
N PRO A 187 18.11 4.29 9.48
CA PRO A 187 17.69 4.78 8.18
C PRO A 187 17.72 3.64 7.16
N PRO A 188 16.67 3.52 6.34
CA PRO A 188 16.65 2.54 5.25
C PRO A 188 17.58 2.99 4.12
N LYS A 189 17.70 2.16 3.10
CA LYS A 189 18.60 2.49 1.99
C LYS A 189 17.90 3.32 0.91
N VAL A 190 16.57 3.37 0.95
CA VAL A 190 15.79 4.16 -0.01
C VAL A 190 14.90 5.20 0.68
N TRP A 191 14.48 6.20 -0.07
CA TRP A 191 13.43 7.15 0.35
C TRP A 191 12.08 6.42 0.44
N SER A 192 11.20 6.96 1.28
CA SER A 192 9.82 6.51 1.32
C SER A 192 8.90 7.63 0.85
N SER A 193 7.62 7.30 0.70
CA SER A 193 6.59 8.28 0.37
C SER A 193 5.33 8.05 1.16
N LEU A 194 4.63 9.15 1.47
CA LEU A 194 3.30 9.10 2.07
C LEU A 194 2.29 9.01 0.94
N VAL A 195 1.48 7.93 0.96
CA VAL A 195 0.48 7.64 -0.07
C VAL A 195 -0.90 7.65 0.56
N ARG A 196 -1.85 8.26 -0.14
CA ARG A 196 -3.25 8.18 0.25
C ARG A 196 -4.03 7.56 -0.89
N LEU A 197 -4.73 6.47 -0.56
CA LEU A 197 -5.66 5.80 -1.47
C LEU A 197 -7.10 6.03 -1.00
N THR A 198 -7.96 6.43 -1.91
CA THR A 198 -9.37 6.66 -1.57
C THR A 198 -10.17 5.74 -2.45
N PRO A 199 -10.62 4.62 -1.90
CA PRO A 199 -11.48 3.71 -2.64
C PRO A 199 -12.72 4.33 -3.26
N THR A 200 -13.01 3.87 -4.48
CA THR A 200 -14.06 4.45 -5.28
C THR A 200 -15.19 3.47 -5.61
N GLY A 201 -15.17 2.31 -4.94
CA GLY A 201 -16.32 1.40 -4.91
C GLY A 201 -16.10 0.00 -5.47
N ALA A 202 -15.25 -0.12 -6.48
CA ALA A 202 -15.11 -1.41 -7.17
C ALA A 202 -14.49 -2.44 -6.25
N LEU A 203 -15.06 -3.64 -6.25
CA LEU A 203 -14.44 -4.81 -5.62
C LEU A 203 -13.55 -5.53 -6.65
N ASP A 204 -13.01 -6.70 -6.32
CA ASP A 204 -12.15 -7.38 -7.27
C ASP A 204 -12.91 -7.65 -8.58
N ASP A 205 -12.16 -7.59 -9.67
CA ASP A 205 -12.66 -7.99 -11.00
C ASP A 205 -11.61 -8.97 -11.56
N PRO A 206 -11.76 -10.27 -11.24
CA PRO A 206 -10.78 -11.28 -11.62
C PRO A 206 -10.50 -11.37 -13.12
N GLY A 207 -11.53 -11.21 -13.95
CA GLY A 207 -11.38 -11.24 -15.40
C GLY A 207 -10.51 -10.10 -15.90
N LEU A 208 -10.69 -8.93 -15.30
CA LEU A 208 -9.91 -7.78 -15.69
C LEU A 208 -8.46 -8.02 -15.35
N PHE A 209 -8.20 -8.60 -14.17
CA PHE A 209 -6.83 -8.78 -13.75
C PHE A 209 -6.12 -9.98 -14.36
N ARG A 210 -6.88 -10.95 -14.82
CA ARG A 210 -6.28 -11.98 -15.69
C ARG A 210 -5.69 -11.34 -16.97
N LEU A 211 -6.46 -10.40 -17.54
CA LEU A 211 -6.04 -9.66 -18.73
C LEU A 211 -4.83 -8.78 -18.44
N VAL A 212 -4.92 -8.00 -17.35
CA VAL A 212 -3.83 -7.09 -17.01
C VAL A 212 -2.52 -7.86 -16.70
N GLU A 213 -2.62 -8.94 -15.92
N GLU A 213 -2.61 -8.92 -15.89
CA GLU A 213 -1.44 -9.76 -15.60
CA GLU A 213 -1.44 -9.77 -15.61
C GLU A 213 -0.84 -10.46 -16.83
C GLU A 213 -0.85 -10.31 -16.91
N ALA A 214 -1.70 -10.92 -17.74
CA ALA A 214 -1.25 -11.47 -19.04
C ALA A 214 -0.57 -10.39 -19.86
N ALA A 215 -1.17 -9.19 -19.88
CA ALA A 215 -0.65 -8.04 -20.64
C ALA A 215 0.78 -7.68 -20.27
N PHE A 216 1.10 -7.75 -18.97
CA PHE A 216 2.40 -7.34 -18.46
C PHE A 216 3.37 -8.52 -18.18
N GLY A 217 2.94 -9.77 -18.44
CA GLY A 217 3.77 -10.95 -18.10
C GLY A 217 5.00 -11.02 -18.98
N LYS A 218 4.80 -10.79 -20.26
CA LYS A 218 5.88 -10.85 -21.23
C LYS A 218 6.25 -9.42 -21.66
N ARG A 219 7.20 -8.85 -20.93
CA ARG A 219 7.50 -7.40 -21.01
C ARG A 219 8.18 -6.96 -22.33
N ARG A 220 8.82 -7.90 -23.01
CA ARG A 220 9.51 -7.59 -24.27
C ARG A 220 8.61 -7.72 -25.49
N LYS A 221 7.35 -8.09 -25.25
CA LYS A 221 6.41 -8.33 -26.32
C LYS A 221 5.44 -7.17 -26.46
N THR A 222 4.88 -7.02 -27.65
CA THR A 222 3.79 -6.07 -27.85
C THR A 222 2.58 -6.62 -27.10
N LEU A 223 1.59 -5.76 -26.83
CA LEU A 223 0.39 -6.21 -26.15
C LEU A 223 -0.24 -7.45 -26.82
N LEU A 224 -0.37 -7.42 -28.14
CA LEU A 224 -0.92 -8.56 -28.87
C LEU A 224 -0.18 -9.89 -28.52
N ASN A 225 1.14 -9.87 -28.65
CA ASN A 225 1.95 -11.08 -28.41
C ASN A 225 1.98 -11.55 -26.97
N ALA A 226 2.00 -10.60 -26.03
CA ALA A 226 1.94 -10.98 -24.64
C ALA A 226 0.62 -11.72 -24.37
N LEU A 227 -0.50 -11.16 -24.84
CA LEU A 227 -1.83 -11.76 -24.65
C LEU A 227 -1.98 -13.08 -25.41
N ALA A 228 -1.48 -13.11 -26.65
CA ALA A 228 -1.54 -14.34 -27.45
C ALA A 228 -0.79 -15.47 -26.74
N ALA A 229 0.43 -15.16 -26.27
CA ALA A 229 1.27 -16.13 -25.55
C ALA A 229 0.65 -16.59 -24.23
N ALA A 230 -0.25 -15.77 -23.69
CA ALA A 230 -1.00 -16.10 -22.49
C ALA A 230 -2.35 -16.81 -22.77
N GLY A 231 -2.63 -17.11 -24.03
CA GLY A 231 -3.81 -17.91 -24.37
C GLY A 231 -5.05 -17.18 -24.84
N TYR A 232 -4.96 -15.86 -24.99
CA TYR A 232 -6.03 -15.09 -25.64
C TYR A 232 -5.91 -15.30 -27.16
N PRO A 233 -7.04 -15.60 -27.85
CA PRO A 233 -7.08 -15.84 -29.30
C PRO A 233 -6.55 -14.65 -30.08
N LYS A 234 -5.46 -14.85 -30.84
CA LYS A 234 -4.77 -13.74 -31.53
C LYS A 234 -5.71 -12.88 -32.38
N ALA A 235 -6.56 -13.50 -33.19
CA ALA A 235 -7.49 -12.75 -34.03
C ALA A 235 -8.45 -11.84 -33.24
N ARG A 236 -8.95 -12.32 -32.11
CA ARG A 236 -9.85 -11.53 -31.27
C ARG A 236 -9.14 -10.33 -30.65
N VAL A 237 -7.89 -10.54 -30.22
CA VAL A 237 -7.10 -9.44 -29.69
C VAL A 237 -6.82 -8.38 -30.76
N GLU A 238 -6.38 -8.83 -31.95
CA GLU A 238 -6.15 -7.92 -33.09
C GLU A 238 -7.37 -7.05 -33.37
N GLU A 239 -8.55 -7.66 -33.35
CA GLU A 239 -9.80 -6.96 -33.63
C GLU A 239 -10.18 -6.00 -32.51
N ALA A 240 -10.03 -6.43 -31.27
CA ALA A 240 -10.38 -5.57 -30.14
C ALA A 240 -9.51 -4.32 -30.11
N LEU A 241 -8.22 -4.50 -30.43
CA LEU A 241 -7.28 -3.39 -30.48
C LEU A 241 -7.62 -2.44 -31.62
N ARG A 242 -7.89 -3.01 -32.78
CA ARG A 242 -8.32 -2.24 -33.93
C ARG A 242 -9.56 -1.42 -33.59
N ALA A 243 -10.51 -2.07 -32.91
CA ALA A 243 -11.77 -1.43 -32.55
C ALA A 243 -11.57 -0.25 -31.60
N LEU A 244 -10.57 -0.34 -30.73
CA LEU A 244 -10.23 0.74 -29.80
C LEU A 244 -9.36 1.82 -30.47
N GLY A 245 -9.09 1.66 -31.77
CA GLY A 245 -8.25 2.61 -32.52
C GLY A 245 -6.79 2.62 -32.13
N LEU A 246 -6.32 1.52 -31.53
CA LEU A 246 -4.94 1.37 -31.14
C LEU A 246 -4.14 0.70 -32.25
N PRO A 247 -2.85 1.07 -32.38
CA PRO A 247 -1.97 0.50 -33.39
C PRO A 247 -1.72 -0.98 -33.12
N PRO A 248 -1.53 -1.78 -34.18
CA PRO A 248 -1.34 -3.23 -34.05
C PRO A 248 -0.28 -3.63 -33.03
N ARG A 249 0.78 -2.81 -32.92
CA ARG A 249 1.95 -3.17 -32.12
C ARG A 249 2.01 -2.38 -30.81
N VAL A 250 0.87 -1.85 -30.40
CA VAL A 250 0.74 -1.15 -29.11
C VAL A 250 1.23 -2.04 -27.98
N ARG A 251 1.85 -1.41 -27.00
CA ARG A 251 2.35 -2.14 -25.81
C ARG A 251 1.46 -1.93 -24.60
N ALA A 252 1.56 -2.86 -23.65
CA ALA A 252 0.66 -2.87 -22.47
C ALA A 252 0.69 -1.56 -21.70
N GLU A 253 1.87 -0.99 -21.52
CA GLU A 253 2.03 0.22 -20.70
C GLU A 253 1.34 1.47 -21.28
N GLU A 254 0.82 1.37 -22.50
CA GLU A 254 0.21 2.51 -23.16
C GLU A 254 -1.29 2.67 -22.82
N LEU A 255 -1.86 1.64 -22.22
CA LEU A 255 -3.30 1.61 -21.96
C LEU A 255 -3.60 2.00 -20.53
N ASP A 256 -4.55 2.92 -20.34
CA ASP A 256 -5.01 3.25 -19.01
C ASP A 256 -6.09 2.27 -18.53
N LEU A 257 -6.59 2.52 -17.32
CA LEU A 257 -7.57 1.61 -16.72
C LEU A 257 -8.82 1.45 -17.58
N GLU A 258 -9.35 2.57 -18.09
CA GLU A 258 -10.54 2.47 -18.91
C GLU A 258 -10.24 1.73 -20.21
N ALA A 259 -9.04 1.93 -20.75
CA ALA A 259 -8.68 1.23 -21.98
C ALA A 259 -8.63 -0.29 -21.73
N PHE A 260 -8.07 -0.70 -20.59
CA PHE A 260 -8.07 -2.13 -20.28
C PHE A 260 -9.49 -2.64 -20.09
N ARG A 261 -10.33 -1.85 -19.43
CA ARG A 261 -11.73 -2.25 -19.24
C ARG A 261 -12.41 -2.44 -20.59
N ARG A 262 -12.16 -1.52 -21.52
CA ARG A 262 -12.78 -1.61 -22.84
C ARG A 262 -12.21 -2.79 -23.62
N LEU A 263 -10.91 -3.01 -23.50
CA LEU A 263 -10.28 -4.15 -24.16
C LEU A 263 -10.90 -5.45 -23.69
N ARG A 264 -11.07 -5.59 -22.37
CA ARG A 264 -11.66 -6.78 -21.77
C ARG A 264 -13.09 -6.97 -22.32
N GLU A 265 -13.87 -5.90 -22.30
CA GLU A 265 -15.23 -5.94 -22.88
C GLU A 265 -15.21 -6.33 -24.37
N GLY A 266 -14.19 -5.88 -25.09
CA GLY A 266 -14.02 -6.19 -26.53
C GLY A 266 -13.77 -7.67 -26.77
N LEU A 267 -12.93 -8.26 -25.92
CA LEU A 267 -12.57 -9.69 -26.00
C LEU A 267 -13.69 -10.64 -25.60
N GLU A 268 -14.65 -10.15 -24.81
CA GLU A 268 -15.74 -10.97 -24.29
C GLU A 268 -17.06 -10.71 -25.01
#